data_1YO7
#
_entry.id   1YO7
#
_cell.length_a   46.607
_cell.length_b   52.830
_cell.length_c   50.360
_cell.angle_alpha   90.00
_cell.angle_beta   94.99
_cell.angle_gamma   90.00
#
_symmetry.space_group_name_H-M   'P 1 21 1'
#
loop_
_entity.id
_entity.type
_entity.pdbx_description
1 polymer 'Regulatory protein rop'
2 non-polymer 'ZINC ION'
3 water water
#
_entity_poly.entity_id   1
_entity_poly.type   'polypeptide(L)'
_entity_poly.pdbx_seq_one_letter_code
;MTKQEKTALNMARFIRSQTLTLLEKLNELDADEQADICESLHDHADELYRSCLASFKKNGQIDEQADICESLHDHADELY
RSCLARFGGSKQEKTALNMARFIRSQTLTLLEKLNELAKG
;
_entity_poly.pdbx_strand_id   A,B
#
# COMPACT_ATOMS: atom_id res chain seq x y z
N MET A 1 1.19 19.16 -14.92
CA MET A 1 0.04 18.85 -14.04
C MET A 1 -0.42 20.14 -13.35
N THR A 2 -1.72 20.29 -13.18
CA THR A 2 -2.29 21.47 -12.54
C THR A 2 -2.40 21.33 -11.03
N LYS A 3 -2.64 22.44 -10.34
CA LYS A 3 -2.79 22.44 -8.88
C LYS A 3 -3.96 21.55 -8.56
N GLN A 4 -5.02 21.67 -9.35
CA GLN A 4 -6.20 20.85 -9.16
C GLN A 4 -5.80 19.38 -9.13
N GLU A 5 -5.24 18.92 -10.25
CA GLU A 5 -4.78 17.56 -10.43
C GLU A 5 -3.85 17.11 -9.30
N LYS A 6 -2.86 17.94 -8.98
CA LYS A 6 -1.91 17.62 -7.92
C LYS A 6 -2.60 17.35 -6.59
N THR A 7 -3.50 18.25 -6.18
CA THR A 7 -4.23 18.09 -4.94
C THR A 7 -4.93 16.75 -4.98
N ALA A 8 -5.70 16.51 -6.04
CA ALA A 8 -6.41 15.25 -6.20
C ALA A 8 -5.41 14.08 -6.18
N LEU A 9 -4.22 14.28 -6.72
CA LEU A 9 -3.25 13.20 -6.70
C LEU A 9 -2.77 13.05 -5.27
N ASN A 10 -2.49 14.18 -4.62
CA ASN A 10 -2.01 14.19 -3.25
C ASN A 10 -3.02 13.62 -2.27
N MET A 11 -4.28 13.54 -2.67
CA MET A 11 -5.31 13.03 -1.78
C MET A 11 -5.40 11.52 -1.94
N ALA A 12 -5.19 11.06 -3.17
CA ALA A 12 -5.22 9.64 -3.51
C ALA A 12 -4.09 8.91 -2.80
N ARG A 13 -2.87 9.42 -2.95
CA ARG A 13 -1.71 8.79 -2.31
C ARG A 13 -1.91 8.76 -0.80
N PHE A 14 -2.45 9.83 -0.26
CA PHE A 14 -2.66 9.86 1.17
C PHE A 14 -3.59 8.72 1.58
N ILE A 15 -4.63 8.46 0.78
CA ILE A 15 -5.55 7.39 1.10
C ILE A 15 -4.88 6.02 1.01
N ARG A 16 -3.92 5.86 0.10
CA ARG A 16 -3.19 4.59 -0.03
C ARG A 16 -2.45 4.23 1.25
N SER A 17 -1.91 5.24 1.93
CA SER A 17 -1.17 5.06 3.18
C SER A 17 -2.12 4.86 4.36
N GLN A 18 -3.17 5.68 4.43
CA GLN A 18 -4.11 5.56 5.52
C GLN A 18 -4.73 4.17 5.60
N THR A 19 -5.08 3.60 4.44
CA THR A 19 -5.67 2.27 4.42
C THR A 19 -4.71 1.24 5.01
N LEU A 20 -3.42 1.57 4.95
CA LEU A 20 -2.37 0.71 5.48
C LEU A 20 -2.25 0.90 6.99
N THR A 21 -2.29 2.16 7.44
CA THR A 21 -2.19 2.47 8.86
C THR A 21 -3.38 1.88 9.61
N LEU A 22 -4.57 2.00 9.03
CA LEU A 22 -5.77 1.45 9.65
C LEU A 22 -5.83 -0.09 9.53
N LEU A 23 -5.18 -0.64 8.52
CA LEU A 23 -5.18 -2.09 8.33
C LEU A 23 -4.42 -2.70 9.50
N GLU A 24 -3.36 -2.02 9.88
CA GLU A 24 -2.51 -2.42 11.00
C GLU A 24 -3.35 -2.50 12.26
N LYS A 25 -3.91 -1.37 12.66
CA LYS A 25 -4.74 -1.28 13.85
C LYS A 25 -5.89 -2.26 13.85
N LEU A 26 -6.42 -2.56 12.67
CA LEU A 26 -7.54 -3.49 12.54
C LEU A 26 -7.14 -4.94 12.85
N ASN A 27 -5.88 -5.26 12.55
CA ASN A 27 -5.32 -6.58 12.77
C ASN A 27 -5.06 -6.85 14.24
N GLU A 28 -4.73 -5.81 14.97
CA GLU A 28 -4.47 -5.96 16.39
C GLU A 28 -5.73 -6.30 17.16
N LEU A 29 -6.86 -5.79 16.70
CA LEU A 29 -8.14 -6.04 17.37
C LEU A 29 -8.71 -7.37 16.94
N ASP A 30 -8.03 -8.04 16.03
CA ASP A 30 -8.50 -9.32 15.53
C ASP A 30 -9.88 -9.15 14.94
N ALA A 31 -10.11 -7.99 14.33
CA ALA A 31 -11.37 -7.68 13.66
C ALA A 31 -11.19 -8.14 12.24
N ASP A 32 -11.14 -9.47 12.07
CA ASP A 32 -10.93 -10.13 10.79
C ASP A 32 -11.81 -9.69 9.62
N GLU A 33 -13.11 -9.51 9.85
CA GLU A 33 -13.98 -9.07 8.77
C GLU A 33 -13.62 -7.69 8.29
N GLN A 34 -13.38 -6.78 9.23
CA GLN A 34 -13.02 -5.42 8.89
C GLN A 34 -11.67 -5.35 8.21
N ALA A 35 -10.71 -6.11 8.71
CA ALA A 35 -9.38 -6.14 8.13
C ALA A 35 -9.49 -6.58 6.66
N ASP A 36 -10.38 -7.52 6.38
CA ASP A 36 -10.59 -8.03 5.02
C ASP A 36 -11.16 -6.98 4.08
N ILE A 37 -12.09 -6.18 4.62
CA ILE A 37 -12.73 -5.13 3.86
C ILE A 37 -11.74 -4.02 3.57
N CYS A 38 -10.93 -3.68 4.57
CA CYS A 38 -9.93 -2.64 4.39
C CYS A 38 -8.95 -3.01 3.26
N GLU A 39 -8.69 -4.31 3.11
CA GLU A 39 -7.79 -4.77 2.08
C GLU A 39 -8.31 -4.48 0.69
N SER A 40 -9.58 -4.77 0.45
CA SER A 40 -10.16 -4.51 -0.85
C SER A 40 -10.07 -3.01 -0.96
N LEU A 41 -10.38 -2.33 0.14
CA LEU A 41 -10.33 -0.88 0.12
C LEU A 41 -8.96 -0.39 -0.31
N HIS A 42 -7.90 -1.00 0.25
CA HIS A 42 -6.54 -0.62 -0.08
C HIS A 42 -6.23 -0.99 -1.53
N ASP A 43 -6.75 -2.12 -1.98
CA ASP A 43 -6.51 -2.52 -3.36
C ASP A 43 -7.17 -1.62 -4.37
N HIS A 44 -8.25 -0.95 -3.96
CA HIS A 44 -8.95 -0.03 -4.85
C HIS A 44 -8.16 1.27 -4.88
N ALA A 45 -7.55 1.61 -3.75
CA ALA A 45 -6.75 2.82 -3.65
C ALA A 45 -5.47 2.69 -4.48
N ASP A 46 -5.00 1.47 -4.68
CA ASP A 46 -3.81 1.28 -5.49
C ASP A 46 -4.14 1.51 -6.94
N GLU A 47 -5.27 0.98 -7.39
CA GLU A 47 -5.68 1.15 -8.77
C GLU A 47 -6.06 2.60 -9.09
N LEU A 48 -6.78 3.23 -8.18
CA LEU A 48 -7.19 4.62 -8.36
C LEU A 48 -6.02 5.55 -8.54
N TYR A 49 -5.01 5.42 -7.68
CA TYR A 49 -3.85 6.29 -7.76
C TYR A 49 -3.14 6.11 -9.09
N ARG A 50 -2.79 4.88 -9.41
CA ARG A 50 -2.10 4.58 -10.66
C ARG A 50 -2.84 5.18 -11.82
N SER A 51 -4.15 4.96 -11.87
CA SER A 51 -4.98 5.50 -12.93
C SER A 51 -4.91 7.03 -13.00
N CYS A 52 -4.83 7.70 -11.85
CA CYS A 52 -4.76 9.16 -11.84
C CYS A 52 -3.41 9.66 -12.36
N LEU A 53 -2.34 8.98 -11.98
CA LEU A 53 -0.98 9.36 -12.42
C LEU A 53 -0.94 9.30 -13.92
N ALA A 54 -1.48 8.21 -14.48
CA ALA A 54 -1.50 8.04 -15.91
C ALA A 54 -2.12 9.27 -16.57
N SER A 55 -3.35 9.60 -16.15
CA SER A 55 -4.07 10.74 -16.68
C SER A 55 -3.36 12.08 -16.47
N PHE A 56 -3.06 12.42 -15.22
CA PHE A 56 -2.40 13.68 -14.91
C PHE A 56 -1.04 13.89 -15.54
N LYS A 57 -0.48 12.83 -16.13
CA LYS A 57 0.80 12.96 -16.78
C LYS A 57 0.57 13.18 -18.27
N LYS A 58 -0.57 12.69 -18.76
CA LYS A 58 -0.98 12.86 -20.16
C LYS A 58 -1.79 14.16 -20.20
N ASN A 59 -3.02 14.08 -19.69
CA ASN A 59 -3.90 15.24 -19.58
C ASN A 59 -4.99 14.91 -18.57
N GLY A 60 -5.31 15.87 -17.71
CA GLY A 60 -6.32 15.64 -16.70
C GLY A 60 -7.70 15.25 -17.22
N GLN A 61 -7.73 14.42 -18.25
CA GLN A 61 -8.99 13.97 -18.81
C GLN A 61 -9.43 12.75 -18.01
N ILE A 62 -9.88 12.98 -16.79
CA ILE A 62 -10.32 11.89 -15.93
C ILE A 62 -11.77 11.49 -16.19
N ASP A 63 -12.04 10.20 -16.11
CA ASP A 63 -13.39 9.67 -16.33
C ASP A 63 -13.56 8.37 -15.54
N GLU A 64 -12.68 7.39 -15.80
CA GLU A 64 -12.75 6.11 -15.13
C GLU A 64 -12.35 6.28 -13.67
N GLN A 65 -11.42 7.21 -13.44
CA GLN A 65 -10.96 7.48 -12.09
C GLN A 65 -12.15 7.82 -11.20
N ALA A 66 -13.04 8.65 -11.74
CA ALA A 66 -14.24 9.04 -11.04
C ALA A 66 -15.05 7.79 -10.68
N ASP A 67 -15.16 6.88 -11.64
CA ASP A 67 -15.91 5.65 -11.42
C ASP A 67 -15.24 4.85 -10.31
N ILE A 68 -13.93 4.73 -10.37
CA ILE A 68 -13.22 3.99 -9.35
C ILE A 68 -13.53 4.59 -7.98
N CYS A 69 -13.14 5.85 -7.80
CA CYS A 69 -13.37 6.55 -6.54
C CYS A 69 -14.74 6.26 -5.95
N GLU A 70 -15.73 6.09 -6.82
CA GLU A 70 -17.08 5.78 -6.38
C GLU A 70 -17.08 4.45 -5.65
N SER A 71 -16.39 3.48 -6.24
CA SER A 71 -16.25 2.14 -5.68
C SER A 71 -15.34 2.18 -4.47
N LEU A 72 -14.53 3.22 -4.38
CA LEU A 72 -13.62 3.34 -3.25
C LEU A 72 -14.43 3.90 -2.09
N HIS A 73 -15.37 4.78 -2.40
CA HIS A 73 -16.21 5.39 -1.38
C HIS A 73 -17.19 4.38 -0.81
N ASP A 74 -17.63 3.45 -1.65
CA ASP A 74 -18.56 2.41 -1.24
C ASP A 74 -17.93 1.53 -0.20
N HIS A 75 -16.67 1.16 -0.43
CA HIS A 75 -15.93 0.30 0.49
C HIS A 75 -15.65 1.05 1.78
N ALA A 76 -15.17 2.29 1.66
CA ALA A 76 -14.86 3.08 2.84
C ALA A 76 -16.10 3.24 3.68
N ASP A 77 -17.26 3.31 3.02
CA ASP A 77 -18.53 3.46 3.73
C ASP A 77 -18.93 2.12 4.32
N GLU A 78 -18.78 1.06 3.54
CA GLU A 78 -19.11 -0.28 4.01
C GLU A 78 -18.23 -0.56 5.22
N LEU A 79 -16.94 -0.27 5.08
CA LEU A 79 -15.98 -0.50 6.16
C LEU A 79 -16.42 0.19 7.43
N TYR A 80 -16.79 1.47 7.32
CA TYR A 80 -17.24 2.23 8.46
C TYR A 80 -18.50 1.60 9.05
N ARG A 81 -19.44 1.26 8.16
CA ARG A 81 -20.70 0.65 8.56
C ARG A 81 -20.48 -0.62 9.39
N SER A 82 -19.61 -1.50 8.92
CA SER A 82 -19.33 -2.75 9.64
C SER A 82 -18.65 -2.49 10.99
N CYS A 83 -17.72 -1.55 11.02
CA CYS A 83 -17.04 -1.22 12.26
C CYS A 83 -18.05 -0.65 13.27
N LEU A 84 -19.01 0.13 12.79
CA LEU A 84 -20.03 0.72 13.66
C LEU A 84 -21.06 -0.28 14.14
N ALA A 85 -21.02 -1.49 13.59
CA ALA A 85 -21.99 -2.50 13.99
C ALA A 85 -21.42 -3.60 14.85
N ARG A 86 -20.11 -3.71 14.92
CA ARG A 86 -19.51 -4.80 15.71
C ARG A 86 -18.52 -4.40 16.81
N PHE A 87 -18.17 -3.13 16.93
CA PHE A 87 -17.19 -2.74 17.95
C PHE A 87 -17.74 -2.53 19.35
N GLY A 88 -16.94 -2.93 20.35
CA GLY A 88 -17.30 -2.76 21.73
C GLY A 88 -17.20 -1.29 22.04
N GLY A 89 -16.50 -0.91 23.11
CA GLY A 89 -16.38 0.50 23.43
C GLY A 89 -15.06 0.89 24.08
N SER A 90 -13.95 0.40 23.55
CA SER A 90 -12.66 0.73 24.13
C SER A 90 -11.91 1.75 23.30
N LYS A 91 -10.86 2.31 23.89
CA LYS A 91 -10.03 3.33 23.27
C LYS A 91 -9.52 2.83 21.94
N GLN A 92 -8.86 1.68 21.97
CA GLN A 92 -8.31 1.07 20.76
C GLN A 92 -9.38 1.03 19.66
N GLU A 93 -10.57 0.55 20.02
CA GLU A 93 -11.67 0.48 19.08
C GLU A 93 -12.15 1.86 18.65
N LYS A 94 -12.18 2.81 19.59
CA LYS A 94 -12.63 4.17 19.29
C LYS A 94 -11.81 4.80 18.17
N THR A 95 -10.50 4.62 18.22
CA THR A 95 -9.58 5.16 17.20
C THR A 95 -9.84 4.54 15.82
N ALA A 96 -9.80 3.22 15.76
CA ALA A 96 -10.03 2.52 14.49
C ALA A 96 -11.33 2.93 13.87
N LEU A 97 -12.27 3.41 14.69
CA LEU A 97 -13.56 3.81 14.16
C LEU A 97 -13.53 5.20 13.55
N ASN A 98 -12.93 6.15 14.27
CA ASN A 98 -12.85 7.51 13.77
C ASN A 98 -11.93 7.61 12.56
N MET A 99 -10.95 6.72 12.47
CA MET A 99 -10.03 6.75 11.34
C MET A 99 -10.81 6.26 10.14
N ALA A 100 -11.66 5.27 10.40
CA ALA A 100 -12.51 4.66 9.37
C ALA A 100 -13.45 5.73 8.83
N ARG A 101 -13.99 6.54 9.72
CA ARG A 101 -14.89 7.62 9.34
C ARG A 101 -14.09 8.70 8.60
N PHE A 102 -12.92 8.99 9.11
CA PHE A 102 -12.08 9.99 8.49
C PHE A 102 -11.85 9.64 7.02
N ILE A 103 -11.52 8.37 6.77
CA ILE A 103 -11.29 7.88 5.43
C ILE A 103 -12.53 8.08 4.56
N ARG A 104 -13.66 7.66 5.09
CA ARG A 104 -14.92 7.79 4.37
C ARG A 104 -15.07 9.22 3.88
N SER A 105 -14.76 10.19 4.73
CA SER A 105 -14.87 11.60 4.35
C SER A 105 -13.87 11.99 3.29
N GLN A 106 -12.62 11.58 3.48
CA GLN A 106 -11.58 11.91 2.52
C GLN A 106 -11.88 11.33 1.15
N THR A 107 -12.56 10.18 1.10
CA THR A 107 -12.91 9.56 -0.17
C THR A 107 -14.11 10.26 -0.77
N LEU A 108 -14.88 10.94 0.06
CA LEU A 108 -16.06 11.66 -0.45
C LEU A 108 -15.61 12.92 -1.19
N THR A 109 -14.76 13.69 -0.54
CA THR A 109 -14.27 14.91 -1.14
C THR A 109 -13.40 14.62 -2.35
N LEU A 110 -12.74 13.45 -2.35
CA LEU A 110 -11.89 13.08 -3.47
C LEU A 110 -12.78 12.94 -4.68
N LEU A 111 -13.84 12.16 -4.50
CA LEU A 111 -14.84 11.90 -5.52
C LEU A 111 -15.37 13.23 -6.06
N GLU A 112 -15.64 14.16 -5.16
CA GLU A 112 -16.12 15.48 -5.57
C GLU A 112 -15.11 16.15 -6.48
N LYS A 113 -13.88 16.32 -5.98
CA LYS A 113 -12.87 16.98 -6.77
C LYS A 113 -12.61 16.27 -8.10
N LEU A 114 -12.88 14.98 -8.17
CA LEU A 114 -12.68 14.26 -9.41
C LEU A 114 -13.81 14.56 -10.40
N ASN A 115 -15.04 14.62 -9.90
CA ASN A 115 -16.19 14.91 -10.75
C ASN A 115 -16.11 16.32 -11.31
N GLU A 116 -15.79 17.27 -10.43
CA GLU A 116 -15.65 18.65 -10.84
C GLU A 116 -14.51 18.77 -11.85
N LEU A 117 -13.78 17.67 -12.05
CA LEU A 117 -12.65 17.64 -12.99
C LEU A 117 -12.97 16.91 -14.30
N ALA A 118 -13.98 16.04 -14.27
CA ALA A 118 -14.39 15.31 -15.46
C ALA A 118 -15.23 16.21 -16.36
N LYS A 119 -15.79 17.27 -15.78
CA LYS A 119 -16.59 18.24 -16.52
C LYS A 119 -15.66 19.41 -16.87
N GLY A 120 -14.44 19.08 -17.25
CA GLY A 120 -13.46 20.09 -17.58
C GLY A 120 -12.80 20.58 -16.31
N MET B 1 0.22 -16.23 17.67
CA MET B 1 1.42 -16.56 16.88
C MET B 1 2.71 -16.35 17.68
N THR B 2 3.73 -17.10 17.29
CA THR B 2 5.02 -17.02 17.96
C THR B 2 5.75 -15.72 17.66
N LYS B 3 6.73 -15.43 18.51
CA LYS B 3 7.57 -14.23 18.43
C LYS B 3 8.22 -14.09 17.09
N GLN B 4 8.67 -15.22 16.56
CA GLN B 4 9.37 -15.24 15.29
C GLN B 4 8.48 -15.04 14.08
N GLU B 5 7.21 -15.40 14.20
CA GLU B 5 6.28 -15.22 13.09
C GLU B 5 5.87 -13.75 13.04
N LYS B 6 5.87 -13.13 14.21
CA LYS B 6 5.52 -11.71 14.35
C LYS B 6 6.60 -10.81 13.77
N THR B 7 7.85 -11.20 13.96
CA THR B 7 8.98 -10.46 13.43
C THR B 7 8.79 -10.46 11.91
N ALA B 8 8.64 -11.67 11.37
CA ALA B 8 8.42 -11.85 9.95
C ALA B 8 7.26 -10.97 9.45
N LEU B 9 6.12 -11.03 10.14
CA LEU B 9 4.97 -10.23 9.73
C LEU B 9 5.28 -8.73 9.77
N ASN B 10 5.86 -8.26 10.89
CA ASN B 10 6.19 -6.84 11.00
C ASN B 10 6.98 -6.37 9.80
N MET B 11 7.97 -7.16 9.41
CA MET B 11 8.80 -6.82 8.26
C MET B 11 7.99 -6.68 6.98
N ALA B 12 7.24 -7.71 6.63
CA ALA B 12 6.43 -7.67 5.41
C ALA B 12 5.60 -6.38 5.45
N ARG B 13 4.95 -6.18 6.59
CA ARG B 13 4.13 -4.99 6.82
C ARG B 13 4.95 -3.71 6.54
N PHE B 14 6.14 -3.65 7.13
CA PHE B 14 7.00 -2.49 6.95
C PHE B 14 7.36 -2.26 5.47
N ILE B 15 7.57 -3.36 4.75
CA ILE B 15 7.91 -3.30 3.34
C ILE B 15 6.76 -2.70 2.51
N ARG B 16 5.52 -3.01 2.88
CA ARG B 16 4.37 -2.47 2.15
C ARG B 16 4.39 -0.95 2.20
N SER B 17 4.48 -0.42 3.40
CA SER B 17 4.49 1.02 3.60
C SER B 17 5.72 1.63 2.96
N GLN B 18 6.88 1.02 3.16
CA GLN B 18 8.13 1.51 2.61
C GLN B 18 8.16 1.63 1.09
N THR B 19 7.62 0.63 0.40
CA THR B 19 7.62 0.69 -1.05
C THR B 19 6.78 1.88 -1.50
N LEU B 20 5.80 2.24 -0.68
CA LEU B 20 4.92 3.34 -0.98
C LEU B 20 5.70 4.65 -0.87
N THR B 21 6.58 4.73 0.13
CA THR B 21 7.37 5.94 0.31
C THR B 21 8.33 6.11 -0.85
N LEU B 22 9.12 5.08 -1.14
CA LEU B 22 10.06 5.16 -2.25
C LEU B 22 9.31 5.55 -3.53
N LEU B 23 8.09 5.05 -3.63
CA LEU B 23 7.22 5.30 -4.78
C LEU B 23 6.95 6.81 -4.92
N GLU B 24 6.55 7.44 -3.83
CA GLU B 24 6.28 8.87 -3.84
C GLU B 24 7.46 9.65 -4.40
N LYS B 25 8.64 9.42 -3.84
CA LYS B 25 9.83 10.11 -4.27
C LYS B 25 10.30 9.73 -5.68
N LEU B 26 9.83 8.57 -6.14
CA LEU B 26 10.20 8.06 -7.45
C LEU B 26 9.45 8.80 -8.58
N ASN B 27 8.39 9.52 -8.22
CA ASN B 27 7.60 10.27 -9.20
C ASN B 27 8.00 11.72 -9.21
N GLU B 28 8.53 12.20 -8.09
CA GLU B 28 8.96 13.58 -8.02
C GLU B 28 10.15 13.78 -8.96
N LEU B 29 10.85 12.68 -9.23
CA LEU B 29 12.00 12.70 -10.12
C LEU B 29 11.55 12.30 -11.51
N ASP B 30 10.33 11.81 -11.59
CA ASP B 30 9.80 11.41 -12.87
C ASP B 30 10.65 10.31 -13.50
N ALA B 31 10.80 9.21 -12.77
CA ALA B 31 11.56 8.06 -13.25
C ALA B 31 10.52 6.97 -13.51
N ASP B 32 9.73 7.19 -14.55
CA ASP B 32 8.65 6.27 -14.91
C ASP B 32 9.00 4.80 -14.96
N GLU B 33 10.18 4.45 -15.45
CA GLU B 33 10.55 3.04 -15.52
C GLU B 33 10.63 2.44 -14.12
N GLN B 34 11.27 3.15 -13.21
CA GLN B 34 11.39 2.65 -11.85
C GLN B 34 10.06 2.75 -11.12
N ALA B 35 9.36 3.85 -11.33
CA ALA B 35 8.06 4.05 -10.72
C ALA B 35 7.23 2.79 -10.98
N ASP B 36 7.31 2.26 -12.19
CA ASP B 36 6.57 1.06 -12.52
C ASP B 36 7.10 -0.20 -11.86
N ILE B 37 8.42 -0.40 -11.93
CA ILE B 37 9.00 -1.58 -11.31
C ILE B 37 8.66 -1.57 -9.83
N CYS B 38 8.44 -0.38 -9.29
CA CYS B 38 8.10 -0.24 -7.89
C CYS B 38 6.65 -0.66 -7.61
N GLU B 39 5.70 -0.23 -8.45
CA GLU B 39 4.29 -0.58 -8.25
C GLU B 39 4.14 -2.08 -8.20
N SER B 40 4.85 -2.74 -9.10
CA SER B 40 4.85 -4.20 -9.19
C SER B 40 5.42 -4.74 -7.88
N LEU B 41 6.47 -4.09 -7.38
CA LEU B 41 7.11 -4.51 -6.14
C LEU B 41 6.17 -4.34 -4.96
N HIS B 42 5.29 -3.35 -5.05
CA HIS B 42 4.33 -3.08 -4.00
C HIS B 42 3.21 -4.12 -4.04
N ASP B 43 2.68 -4.41 -5.22
CA ASP B 43 1.62 -5.40 -5.33
C ASP B 43 2.07 -6.79 -4.90
N HIS B 44 3.37 -7.01 -4.80
CA HIS B 44 3.91 -8.29 -4.39
C HIS B 44 3.97 -8.35 -2.87
N ALA B 45 4.46 -7.27 -2.26
CA ALA B 45 4.55 -7.21 -0.81
C ALA B 45 3.15 -7.11 -0.22
N ASP B 46 2.18 -6.68 -1.04
CA ASP B 46 0.80 -6.58 -0.58
C ASP B 46 0.22 -7.95 -0.38
N GLU B 47 0.62 -8.91 -1.20
CA GLU B 47 0.10 -10.26 -1.06
C GLU B 47 1.00 -11.14 -0.23
N LEU B 48 2.26 -10.76 -0.06
CA LEU B 48 3.18 -11.53 0.77
C LEU B 48 2.72 -11.40 2.22
N TYR B 49 2.31 -10.19 2.58
CA TYR B 49 1.83 -9.92 3.92
C TYR B 49 0.52 -10.63 4.16
N ARG B 50 -0.37 -10.58 3.18
CA ARG B 50 -1.67 -11.24 3.30
C ARG B 50 -1.47 -12.73 3.43
N SER B 51 -0.61 -13.29 2.58
CA SER B 51 -0.33 -14.72 2.61
C SER B 51 0.30 -15.13 3.94
N CYS B 52 1.12 -14.27 4.52
CA CYS B 52 1.74 -14.58 5.81
C CYS B 52 0.71 -14.55 6.93
N LEU B 53 -0.12 -13.52 6.95
CA LEU B 53 -1.15 -13.40 7.98
C LEU B 53 -1.96 -14.68 8.07
N ALA B 54 -2.56 -15.08 6.96
CA ALA B 54 -3.37 -16.29 6.91
C ALA B 54 -2.64 -17.52 7.46
N SER B 55 -1.33 -17.55 7.31
CA SER B 55 -0.54 -18.68 7.80
C SER B 55 -0.33 -18.57 9.30
N PHE B 56 0.43 -17.56 9.73
CA PHE B 56 0.72 -17.33 11.14
C PHE B 56 -0.52 -17.29 12.00
N LYS B 57 -1.60 -16.73 11.45
CA LYS B 57 -2.85 -16.58 12.16
C LYS B 57 -3.48 -17.94 12.45
N LYS B 58 -3.46 -18.84 11.48
CA LYS B 58 -4.02 -20.17 11.67
C LYS B 58 -3.04 -21.06 12.42
N ASN B 59 -1.91 -21.31 11.79
CA ASN B 59 -0.85 -22.11 12.39
C ASN B 59 0.46 -21.45 11.97
N GLY B 60 1.16 -21.99 10.98
CA GLY B 60 2.38 -21.35 10.58
C GLY B 60 3.16 -22.20 9.60
N GLN B 61 2.44 -23.06 8.91
CA GLN B 61 3.06 -23.96 7.94
C GLN B 61 3.38 -23.23 6.64
N ILE B 62 4.55 -22.60 6.60
CA ILE B 62 4.96 -21.90 5.39
C ILE B 62 4.99 -22.92 4.26
N ASP B 63 4.48 -22.53 3.10
CA ASP B 63 4.41 -23.45 1.98
C ASP B 63 4.56 -22.77 0.64
N GLU B 64 4.21 -21.50 0.58
CA GLU B 64 4.28 -20.77 -0.66
C GLU B 64 4.73 -19.32 -0.50
N GLN B 65 4.71 -18.83 0.74
CA GLN B 65 5.13 -17.47 1.02
C GLN B 65 6.61 -17.35 0.65
N ALA B 66 7.40 -18.31 1.08
CA ALA B 66 8.83 -18.32 0.78
C ALA B 66 9.00 -18.10 -0.72
N ASP B 67 8.24 -18.85 -1.49
CA ASP B 67 8.29 -18.73 -2.94
C ASP B 67 8.03 -17.28 -3.28
N ILE B 68 6.88 -16.77 -2.82
CA ILE B 68 6.51 -15.39 -3.07
C ILE B 68 7.63 -14.46 -2.68
N CYS B 69 7.97 -14.44 -1.39
CA CYS B 69 9.02 -13.56 -0.90
C CYS B 69 10.24 -13.60 -1.82
N GLU B 70 10.58 -14.79 -2.31
CA GLU B 70 11.72 -14.92 -3.21
C GLU B 70 11.52 -14.00 -4.42
N SER B 71 10.34 -14.06 -5.03
CA SER B 71 10.04 -13.22 -6.17
C SER B 71 10.07 -11.73 -5.79
N LEU B 72 9.87 -11.45 -4.50
CA LEU B 72 9.88 -10.08 -4.01
C LEU B 72 11.30 -9.56 -4.06
N HIS B 73 12.21 -10.27 -3.41
CA HIS B 73 13.62 -9.89 -3.38
C HIS B 73 14.20 -9.73 -4.80
N ASP B 74 13.75 -10.57 -5.73
CA ASP B 74 14.22 -10.49 -7.12
C ASP B 74 13.79 -9.14 -7.71
N HIS B 75 12.52 -8.79 -7.50
CA HIS B 75 11.96 -7.52 -7.96
C HIS B 75 12.76 -6.37 -7.37
N ALA B 76 12.85 -6.35 -6.04
CA ALA B 76 13.58 -5.31 -5.34
C ALA B 76 15.02 -5.20 -5.85
N ASP B 77 15.60 -6.30 -6.29
CA ASP B 77 16.95 -6.26 -6.80
C ASP B 77 16.92 -5.63 -8.20
N GLU B 78 15.90 -6.00 -8.96
CA GLU B 78 15.71 -5.47 -10.30
C GLU B 78 15.62 -3.95 -10.23
N LEU B 79 14.78 -3.46 -9.32
CA LEU B 79 14.56 -2.02 -9.11
C LEU B 79 15.79 -1.24 -8.71
N TYR B 80 16.63 -1.83 -7.86
CA TYR B 80 17.83 -1.14 -7.43
C TYR B 80 18.78 -1.06 -8.64
N ARG B 81 18.80 -2.12 -9.43
CA ARG B 81 19.63 -2.21 -10.63
C ARG B 81 19.30 -1.13 -11.66
N SER B 82 18.03 -0.74 -11.72
CA SER B 82 17.62 0.27 -12.71
C SER B 82 17.97 1.67 -12.25
N CYS B 83 17.64 2.00 -11.01
CA CYS B 83 17.97 3.31 -10.49
C CYS B 83 19.46 3.51 -10.68
N LEU B 84 20.22 2.50 -10.26
CA LEU B 84 21.67 2.51 -10.33
C LEU B 84 22.25 2.66 -11.74
N ALA B 85 21.45 2.33 -12.74
CA ALA B 85 21.91 2.41 -14.11
C ALA B 85 21.42 3.65 -14.83
N ARG B 86 20.38 4.28 -14.31
CA ARG B 86 19.82 5.45 -14.97
C ARG B 86 19.96 6.78 -14.24
N PHE B 87 20.15 6.75 -12.93
CA PHE B 87 20.24 7.98 -12.17
C PHE B 87 21.51 8.82 -12.27
N GLY B 88 21.36 10.12 -12.05
CA GLY B 88 22.47 11.06 -12.09
C GLY B 88 23.04 11.26 -10.68
N GLY B 89 23.67 12.40 -10.44
CA GLY B 89 24.25 12.65 -9.14
C GLY B 89 23.54 13.65 -8.25
N SER B 90 22.28 13.93 -8.53
CA SER B 90 21.56 14.88 -7.70
C SER B 90 21.37 14.24 -6.34
N LYS B 91 21.15 15.06 -5.31
CA LYS B 91 20.96 14.56 -3.94
C LYS B 91 19.61 13.90 -3.77
N GLN B 92 18.66 14.29 -4.60
CA GLN B 92 17.32 13.71 -4.53
C GLN B 92 17.32 12.30 -5.13
N GLU B 93 18.10 12.10 -6.19
CA GLU B 93 18.18 10.77 -6.80
C GLU B 93 18.97 9.85 -5.87
N LYS B 94 19.93 10.41 -5.13
CA LYS B 94 20.72 9.58 -4.23
C LYS B 94 19.87 8.98 -3.10
N THR B 95 18.95 9.78 -2.55
CA THR B 95 18.08 9.29 -1.48
C THR B 95 17.33 8.08 -2.00
N ALA B 96 16.60 8.29 -3.09
CA ALA B 96 15.82 7.23 -3.72
C ALA B 96 16.67 5.98 -3.85
N LEU B 97 17.91 6.15 -4.30
CA LEU B 97 18.83 5.03 -4.45
C LEU B 97 19.06 4.27 -3.14
N ASN B 98 19.43 4.99 -2.09
CA ASN B 98 19.66 4.35 -0.80
C ASN B 98 18.41 3.64 -0.33
N MET B 99 17.24 4.24 -0.56
CA MET B 99 16.01 3.62 -0.13
C MET B 99 15.82 2.37 -0.96
N ALA B 100 16.24 2.44 -2.22
CA ALA B 100 16.15 1.31 -3.13
C ALA B 100 17.02 0.16 -2.63
N ARG B 101 18.17 0.47 -2.04
CA ARG B 101 19.05 -0.55 -1.50
C ARG B 101 18.48 -1.05 -0.18
N PHE B 102 18.02 -0.12 0.63
CA PHE B 102 17.46 -0.46 1.92
C PHE B 102 16.30 -1.45 1.78
N ILE B 103 15.36 -1.17 0.88
CA ILE B 103 14.24 -2.07 0.67
C ILE B 103 14.78 -3.47 0.31
N ARG B 104 15.70 -3.50 -0.63
CA ARG B 104 16.28 -4.77 -1.06
C ARG B 104 16.94 -5.59 0.06
N SER B 105 17.67 -4.92 0.95
CA SER B 105 18.31 -5.62 2.06
C SER B 105 17.24 -6.28 2.93
N GLN B 106 16.12 -5.58 3.11
CA GLN B 106 15.04 -6.10 3.91
C GLN B 106 14.51 -7.38 3.33
N THR B 107 14.08 -7.31 2.07
CA THR B 107 13.54 -8.45 1.38
C THR B 107 14.47 -9.65 1.43
N LEU B 108 15.74 -9.39 1.72
CA LEU B 108 16.73 -10.46 1.82
C LEU B 108 16.57 -11.15 3.17
N THR B 109 16.44 -10.35 4.21
CA THR B 109 16.28 -10.84 5.56
C THR B 109 14.94 -11.53 5.69
N LEU B 110 13.88 -10.85 5.24
CA LEU B 110 12.56 -11.44 5.29
C LEU B 110 12.63 -12.83 4.68
N LEU B 111 13.31 -12.93 3.55
CA LEU B 111 13.49 -14.20 2.86
C LEU B 111 14.21 -15.23 3.75
N GLU B 112 15.34 -14.81 4.33
CA GLU B 112 16.12 -15.68 5.20
C GLU B 112 15.30 -16.18 6.38
N LYS B 113 14.44 -15.30 6.90
CA LYS B 113 13.60 -15.65 8.04
C LYS B 113 12.51 -16.64 7.68
N LEU B 114 11.80 -16.38 6.59
CA LEU B 114 10.76 -17.29 6.18
C LEU B 114 11.35 -18.67 5.94
N ASN B 115 12.56 -18.70 5.38
CA ASN B 115 13.25 -19.95 5.10
C ASN B 115 13.49 -20.80 6.35
N GLU B 116 13.96 -20.20 7.44
CA GLU B 116 14.21 -20.99 8.63
C GLU B 116 12.92 -21.29 9.39
N LEU B 117 11.83 -20.67 8.95
CA LEU B 117 10.54 -20.90 9.57
C LEU B 117 9.94 -22.06 8.78
N ALA B 118 10.57 -22.37 7.65
CA ALA B 118 10.13 -23.45 6.78
C ALA B 118 10.59 -24.81 7.32
N LYS B 119 11.82 -24.84 7.83
CA LYS B 119 12.35 -26.08 8.38
C LYS B 119 12.18 -26.11 9.90
N GLY B 120 11.38 -25.17 10.41
CA GLY B 120 11.10 -25.06 11.83
C GLY B 120 12.16 -25.55 12.80
#